data_6GWJ
#
_entry.id   6GWJ
#
_cell.length_a   105.120
_cell.length_b   105.120
_cell.length_c   51.350
_cell.angle_alpha   90.000
_cell.angle_beta   90.000
_cell.angle_gamma   90.000
#
_symmetry.space_group_name_H-M   'P 43'
#
loop_
_entity.id
_entity.type
_entity.pdbx_description
1 polymer 'EKC/KEOPS complex subunit LAGE3'
2 polymer 'EKC/KEOPS complex subunit GON7'
3 polymer 'Probable tRNA N6-adenosine threonylcarbamoyltransferase'
4 non-polymer GLYCEROL
5 non-polymer 2-AMINO-2-HYDROXYMETHYL-PROPANE-1,3-DIOL
6 non-polymer 'MAGNESIUM ION'
7 non-polymer DI(HYDROXYETHYL)ETHER
8 water water
#
loop_
_entity_poly.entity_id
_entity_poly.type
_entity_poly.pdbx_seq_one_letter_code
_entity_poly.pdbx_strand_id
1 'polypeptide(L)'
;MRDADADAGGGADGGDGRGGHSCRGGVDTAAAPAGGAPPAHAPGPGRDAASAARGSRMRPHIFTLSVPFPTPLEAEIAHG
SLAPDAEPHQRVVGKDLTVSGRILVVRWKAEDCRLLRISVINFLDQLSLVVRTMQRFGPPVSR
;
B
2 'polypeptide(L)'
;MELLGEYVGQEGKPQKLRVSCEAPGDGDPFQGLLSGVAQMKDMVTELFDPLVQGEVQHRVAAAPDEDLDGDDEDDAEDEN
NIDNRTNFDGPSAKRPKTPSHHHHHH
;
D
3 'polypeptide(L)'
;MPAVLGFEGSANKIGVGVVRDGKVLANPRRTYVTPPGTGFLPGDTARHHRAVILDLLQEALTESGLTSQDIDCIAYTKGP
GMGAPLVSVAVVARTVAQLWNKPLVGVNHCIGHIEMGRLITGATSPTVLYVSGGNTQVIAYSEHRYRIFGETIDIAVGNC
LDRFARVLKISNDPSPGYNIEQMAKRGKKLVELPYTVKGMDVSFSGILSFIEDVAHRMLATGECTPEDLCFSLQETVFAM
LVEITERAMAHCGSQEALIVGGVGCNVRLQEMMATMCQERGARLFATDERFCIDNGAMIAQAGWEMFRAGHRTPLSDSGV
TQRYRTDEVEVTWRD
;
K
#
loop_
_chem_comp.id
_chem_comp.type
_chem_comp.name
_chem_comp.formula
GOL non-polymer GLYCEROL 'C3 H8 O3'
MG non-polymer 'MAGNESIUM ION' 'Mg 2'
PEG non-polymer DI(HYDROXYETHYL)ETHER 'C4 H10 O3'
TRS non-polymer 2-AMINO-2-HYDROXYMETHYL-PROPANE-1,3-DIOL 'C4 H12 N O3 1'
#
# COMPACT_ATOMS: atom_id res chain seq x y z
N PRO A 60 14.69 24.77 19.41
CA PRO A 60 14.52 23.47 18.74
C PRO A 60 15.62 23.14 17.73
N HIS A 61 15.77 21.83 17.40
CA HIS A 61 16.73 21.33 16.42
C HIS A 61 16.22 21.72 15.03
N ILE A 62 17.07 22.38 14.25
CA ILE A 62 16.72 22.88 12.92
C ILE A 62 17.65 22.34 11.84
N PHE A 63 17.07 21.89 10.72
CA PHE A 63 17.83 21.44 9.56
C PHE A 63 17.26 22.04 8.29
N THR A 64 18.11 22.68 7.47
CA THR A 64 17.69 23.28 6.20
C THR A 64 18.48 22.67 5.06
N LEU A 65 17.79 22.16 4.03
CA LEU A 65 18.38 21.56 2.85
C LEU A 65 18.02 22.35 1.60
N SER A 66 19.02 22.66 0.78
CA SER A 66 18.84 23.40 -0.47
C SER A 66 19.28 22.48 -1.62
N VAL A 67 18.35 22.17 -2.55
CA VAL A 67 18.59 21.25 -3.68
C VAL A 67 18.42 21.93 -5.06
N PRO A 68 19.49 21.95 -5.89
CA PRO A 68 19.36 22.54 -7.24
C PRO A 68 18.88 21.56 -8.30
N PHE A 69 17.99 22.02 -9.19
CA PHE A 69 17.41 21.23 -10.30
C PHE A 69 17.83 21.83 -11.64
N PRO A 70 17.86 21.07 -12.77
CA PRO A 70 18.33 21.66 -14.05
C PRO A 70 17.49 22.84 -14.58
N THR A 71 16.18 22.83 -14.32
CA THR A 71 15.27 23.89 -14.78
C THR A 71 14.28 24.27 -13.67
N PRO A 72 13.72 25.52 -13.65
CA PRO A 72 12.69 25.85 -12.64
C PRO A 72 11.48 24.92 -12.69
N LEU A 73 11.07 24.44 -13.90
CA LEU A 73 9.95 23.49 -14.02
C LEU A 73 10.23 22.15 -13.31
N GLU A 74 11.47 21.63 -13.41
CA GLU A 74 11.82 20.39 -12.72
C GLU A 74 11.89 20.58 -11.19
N ALA A 75 12.29 21.78 -10.71
CA ALA A 75 12.28 22.09 -9.28
C ALA A 75 10.81 22.13 -8.79
N GLU A 76 9.90 22.77 -9.59
CA GLU A 76 8.46 22.88 -9.28
C GLU A 76 7.82 21.48 -9.23
N ILE A 77 8.19 20.58 -10.16
CA ILE A 77 7.65 19.23 -10.22
C ILE A 77 8.08 18.45 -8.97
N ALA A 78 9.37 18.56 -8.59
CA ALA A 78 9.88 17.88 -7.39
C ALA A 78 9.12 18.40 -6.16
N HIS A 79 8.88 19.72 -6.06
CA HIS A 79 8.12 20.31 -4.94
C HIS A 79 6.70 19.74 -4.93
N GLY A 80 6.04 19.77 -6.09
CA GLY A 80 4.69 19.24 -6.28
C GLY A 80 4.60 17.78 -5.83
N SER A 81 5.64 16.96 -6.11
CA SER A 81 5.64 15.55 -5.71
C SER A 81 6.01 15.29 -4.24
N LEU A 82 6.92 16.09 -3.65
CA LEU A 82 7.44 15.84 -2.30
C LEU A 82 6.70 16.53 -1.16
N ALA A 83 6.19 17.74 -1.40
CA ALA A 83 5.48 18.53 -0.40
C ALA A 83 4.14 17.96 0.15
N PRO A 84 3.26 17.20 -0.59
CA PRO A 84 1.95 16.85 -0.03
C PRO A 84 1.90 15.99 1.21
N ASP A 85 2.91 15.15 1.45
CA ASP A 85 2.87 14.21 2.57
C ASP A 85 3.22 14.82 3.93
N ALA A 86 2.39 14.53 4.92
CA ALA A 86 2.63 14.93 6.30
C ALA A 86 3.79 14.08 6.84
N GLU A 87 4.57 14.63 7.78
CA GLU A 87 5.64 13.89 8.46
C GLU A 87 4.95 12.80 9.35
N PRO A 88 5.52 11.58 9.46
CA PRO A 88 4.86 10.52 10.28
C PRO A 88 4.67 10.86 11.76
N HIS A 89 5.62 11.63 12.34
CA HIS A 89 5.62 12.04 13.76
C HIS A 89 5.59 13.58 13.84
N GLN A 90 4.47 14.19 13.39
CA GLN A 90 4.24 15.63 13.27
C GLN A 90 4.53 16.47 14.53
N ARG A 91 4.16 15.99 15.74
CA ARG A 91 4.40 16.71 17.00
C ARG A 91 5.89 16.77 17.36
N VAL A 92 6.67 15.77 16.90
CA VAL A 92 8.12 15.61 17.15
C VAL A 92 8.99 16.25 16.05
N VAL A 93 8.67 15.97 14.78
CA VAL A 93 9.40 16.45 13.61
C VAL A 93 8.41 17.01 12.58
N GLY A 94 8.65 18.24 12.16
CA GLY A 94 7.88 18.91 11.13
C GLY A 94 8.79 19.45 10.03
N LYS A 95 8.27 19.54 8.80
CA LYS A 95 9.04 20.11 7.68
C LYS A 95 8.17 20.99 6.77
N ASP A 96 8.85 21.92 6.07
CA ASP A 96 8.22 22.86 5.14
C ASP A 96 9.05 22.94 3.85
N LEU A 97 8.37 22.81 2.69
CA LEU A 97 9.02 22.83 1.39
C LEU A 97 8.61 24.06 0.62
N THR A 98 9.58 24.73 0.03
CA THR A 98 9.36 25.90 -0.80
C THR A 98 10.25 25.77 -2.02
N VAL A 99 9.91 26.48 -3.09
CA VAL A 99 10.67 26.46 -4.35
C VAL A 99 10.76 27.88 -4.92
N SER A 100 11.99 28.29 -5.26
CA SER A 100 12.30 29.58 -5.86
C SER A 100 13.29 29.30 -6.99
N GLY A 101 12.86 29.55 -8.23
CA GLY A 101 13.66 29.29 -9.42
C GLY A 101 13.94 27.79 -9.55
N ARG A 102 15.23 27.42 -9.60
CA ARG A 102 15.69 26.03 -9.74
C ARG A 102 16.01 25.37 -8.39
N ILE A 103 15.74 26.09 -7.28
CA ILE A 103 16.11 25.65 -5.94
C ILE A 103 14.92 25.19 -5.11
N LEU A 104 15.01 23.96 -4.62
CA LEU A 104 14.05 23.39 -3.70
C LEU A 104 14.63 23.56 -2.29
N VAL A 105 13.87 24.21 -1.40
CA VAL A 105 14.29 24.45 -0.03
C VAL A 105 13.41 23.66 0.94
N VAL A 106 14.07 22.86 1.79
CA VAL A 106 13.38 22.06 2.79
C VAL A 106 13.81 22.50 4.18
N ARG A 107 12.84 22.90 5.01
CA ARG A 107 13.11 23.39 6.34
C ARG A 107 12.48 22.47 7.39
N TRP A 108 13.33 21.86 8.23
CA TRP A 108 12.91 20.96 9.31
C TRP A 108 12.99 21.65 10.69
N LYS A 109 12.04 21.31 11.57
CA LYS A 109 11.97 21.75 12.96
C LYS A 109 11.71 20.48 13.76
N ALA A 110 12.59 20.16 14.72
CA ALA A 110 12.49 18.93 15.50
C ALA A 110 12.79 19.06 17.00
N GLU A 111 12.11 18.22 17.79
CA GLU A 111 12.26 18.11 19.24
C GLU A 111 13.30 17.00 19.56
N ASP A 112 13.46 16.02 18.64
CA ASP A 112 14.38 14.88 18.80
C ASP A 112 15.41 14.83 17.67
N CYS A 113 16.68 14.59 18.02
CA CYS A 113 17.81 14.53 17.09
C CYS A 113 17.81 13.29 16.20
N ARG A 114 17.55 12.10 16.78
CA ARG A 114 17.52 10.84 16.04
C ARG A 114 16.39 10.85 15.02
N LEU A 115 15.18 11.30 15.44
CA LEU A 115 14.02 11.34 14.52
C LEU A 115 14.20 12.42 13.45
N LEU A 116 15.01 13.46 13.71
CA LEU A 116 15.34 14.49 12.70
C LEU A 116 16.26 13.85 11.63
N ARG A 117 17.29 13.09 12.06
CA ARG A 117 18.19 12.38 11.12
C ARG A 117 17.35 11.46 10.23
N ILE A 118 16.46 10.64 10.85
CA ILE A 118 15.60 9.70 10.15
C ILE A 118 14.73 10.43 9.12
N SER A 119 14.13 11.57 9.50
CA SER A 119 13.29 12.34 8.58
C SER A 119 14.08 12.87 7.37
N VAL A 120 15.29 13.44 7.60
CA VAL A 120 16.17 13.96 6.54
C VAL A 120 16.63 12.83 5.60
N ILE A 121 17.06 11.69 6.15
CA ILE A 121 17.48 10.52 5.35
C ILE A 121 16.31 9.99 4.49
N ASN A 122 15.12 9.82 5.12
CA ASN A 122 13.89 9.37 4.43
C ASN A 122 13.56 10.32 3.27
N PHE A 123 13.66 11.63 3.50
CA PHE A 123 13.42 12.63 2.47
C PHE A 123 14.39 12.50 1.31
N LEU A 124 15.71 12.37 1.59
CA LEU A 124 16.74 12.22 0.56
C LEU A 124 16.50 10.98 -0.31
N ASP A 125 16.00 9.87 0.28
CA ASP A 125 15.64 8.65 -0.46
C ASP A 125 14.43 8.93 -1.38
N GLN A 126 13.41 9.70 -0.91
CA GLN A 126 12.24 10.05 -1.74
C GLN A 126 12.67 11.00 -2.88
N LEU A 127 13.57 11.96 -2.58
CA LEU A 127 14.11 12.90 -3.54
C LEU A 127 14.87 12.15 -4.64
N SER A 128 15.70 11.18 -4.25
CA SER A 128 16.47 10.36 -5.18
C SER A 128 15.51 9.61 -6.14
N LEU A 129 14.41 9.05 -5.60
CA LEU A 129 13.42 8.36 -6.42
C LEU A 129 12.74 9.34 -7.41
N VAL A 130 12.39 10.55 -6.96
CA VAL A 130 11.78 11.58 -7.82
C VAL A 130 12.77 11.94 -8.96
N VAL A 131 14.06 12.13 -8.60
CA VAL A 131 15.09 12.45 -9.58
C VAL A 131 15.21 11.33 -10.62
N ARG A 132 15.21 10.06 -10.18
CA ARG A 132 15.26 8.91 -11.09
C ARG A 132 14.02 8.85 -12.02
N THR A 133 12.83 9.22 -11.49
CA THR A 133 11.57 9.27 -12.29
C THR A 133 11.66 10.32 -13.40
N MET A 134 12.10 11.54 -13.05
CA MET A 134 12.27 12.64 -14.00
C MET A 134 13.31 12.28 -15.07
N GLN A 135 14.40 11.61 -14.67
CA GLN A 135 15.44 11.21 -15.62
C GLN A 135 14.90 10.16 -16.61
N ARG A 136 14.22 9.13 -16.10
CA ARG A 136 13.79 8.00 -16.90
C ARG A 136 12.52 8.27 -17.72
N PHE A 137 11.57 9.07 -17.20
CA PHE A 137 10.27 9.29 -17.84
C PHE A 137 10.03 10.73 -18.31
N GLY A 138 11.05 11.57 -18.15
CA GLY A 138 10.98 12.93 -18.62
C GLY A 138 11.50 12.98 -20.05
N PRO A 139 11.75 14.18 -20.62
CA PRO A 139 11.55 15.52 -20.03
C PRO A 139 10.06 15.86 -19.84
N PRO A 140 9.72 16.89 -19.03
CA PRO A 140 8.30 17.28 -18.92
C PRO A 140 7.73 17.73 -20.27
N VAL A 141 6.51 17.29 -20.62
CA VAL A 141 5.87 17.69 -21.89
C VAL A 141 5.52 19.18 -21.79
N SER A 142 5.50 19.88 -22.93
CA SER A 142 5.16 21.31 -22.93
C SER A 142 3.74 21.54 -22.43
N ARG A 143 3.57 22.53 -21.52
CA ARG A 143 2.28 22.93 -20.94
C ARG A 143 2.22 24.43 -20.66
N MET B 1 24.06 23.20 -9.05
CA MET B 1 25.15 24.04 -8.55
C MET B 1 25.79 23.47 -7.27
N GLU B 2 25.06 23.51 -6.13
CA GLU B 2 25.52 23.02 -4.85
C GLU B 2 24.36 22.56 -3.96
N LEU B 3 24.49 21.36 -3.39
CA LEU B 3 23.53 20.80 -2.44
C LEU B 3 24.08 21.12 -1.06
N LEU B 4 23.33 21.85 -0.23
CA LEU B 4 23.85 22.14 1.09
C LEU B 4 22.82 21.96 2.19
N GLY B 5 23.32 21.53 3.34
CA GLY B 5 22.55 21.31 4.55
C GLY B 5 23.08 22.15 5.69
N GLU B 6 22.18 22.69 6.51
CA GLU B 6 22.59 23.49 7.66
C GLU B 6 21.88 23.01 8.91
N TYR B 7 22.67 22.50 9.88
CA TYR B 7 22.12 22.05 11.16
C TYR B 7 22.36 23.10 12.23
N VAL B 8 21.31 23.46 12.97
CA VAL B 8 21.38 24.41 14.09
C VAL B 8 20.71 23.71 15.29
N GLY B 9 21.53 23.31 16.25
CA GLY B 9 21.06 22.64 17.45
C GLY B 9 20.39 23.59 18.43
N GLN B 10 19.89 23.03 19.55
CA GLN B 10 19.23 23.79 20.62
C GLN B 10 20.18 24.77 21.30
N GLU B 11 21.51 24.49 21.22
CA GLU B 11 22.58 25.33 21.76
C GLU B 11 22.82 26.60 20.92
N GLY B 12 22.51 26.53 19.61
CA GLY B 12 22.65 27.62 18.67
C GLY B 12 23.88 27.57 17.77
N LYS B 13 24.76 26.54 17.97
CA LYS B 13 25.99 26.35 17.18
C LYS B 13 25.66 25.79 15.78
N PRO B 14 25.93 26.56 14.68
CA PRO B 14 25.59 26.05 13.34
C PRO B 14 26.66 25.21 12.66
N GLN B 15 26.25 24.05 12.12
CA GLN B 15 27.12 23.12 11.41
C GLN B 15 26.66 22.98 9.95
N LYS B 16 27.57 23.26 9.00
CA LYS B 16 27.22 23.21 7.58
C LYS B 16 27.76 21.98 6.86
N LEU B 17 26.93 21.42 5.96
CA LEU B 17 27.24 20.30 5.06
C LEU B 17 27.11 20.82 3.63
N ARG B 18 27.98 20.36 2.72
CA ARG B 18 27.95 20.78 1.31
C ARG B 18 28.53 19.73 0.36
N VAL B 19 27.89 19.59 -0.82
CA VAL B 19 28.30 18.65 -1.87
C VAL B 19 28.63 19.49 -3.11
N SER B 20 29.85 19.29 -3.65
CA SER B 20 30.37 19.96 -4.84
C SER B 20 29.62 19.52 -6.10
N ALA B 23 29.50 19.74 -11.67
CA ALA B 23 29.91 20.65 -12.75
C ALA B 23 28.97 20.55 -13.97
N PRO B 24 28.30 21.67 -14.38
CA PRO B 24 27.40 21.60 -15.54
C PRO B 24 28.16 21.60 -16.89
N GLY B 25 28.73 20.44 -17.20
CA GLY B 25 29.50 20.22 -18.42
C GLY B 25 28.74 19.37 -19.42
N ASP B 26 29.46 18.42 -20.06
CA ASP B 26 28.87 17.52 -21.04
C ASP B 26 28.03 16.37 -20.43
N GLY B 27 28.26 16.04 -19.16
CA GLY B 27 27.59 14.95 -18.44
C GLY B 27 26.10 15.13 -18.17
N ASP B 28 25.41 14.01 -17.81
CA ASP B 28 23.98 14.03 -17.53
C ASP B 28 23.67 14.81 -16.23
N PRO B 29 22.82 15.87 -16.30
CA PRO B 29 22.55 16.66 -15.08
C PRO B 29 21.93 15.85 -13.93
N PHE B 30 20.96 14.94 -14.23
CA PHE B 30 20.35 14.12 -13.17
C PHE B 30 21.31 13.10 -12.56
N GLN B 31 22.24 12.54 -13.35
CA GLN B 31 23.26 11.61 -12.84
C GLN B 31 24.08 12.33 -11.72
N GLY B 32 24.53 13.56 -12.03
CA GLY B 32 25.26 14.41 -11.11
C GLY B 32 24.46 14.71 -9.85
N LEU B 33 23.15 15.05 -10.01
CA LEU B 33 22.25 15.32 -8.88
C LEU B 33 22.08 14.09 -7.99
N LEU B 34 21.92 12.89 -8.58
CA LEU B 34 21.81 11.62 -7.84
C LEU B 34 23.05 11.34 -6.99
N SER B 35 24.24 11.65 -7.55
CA SER B 35 25.52 11.48 -6.87
C SER B 35 25.59 12.39 -5.65
N GLY B 36 25.14 13.64 -5.81
CA GLY B 36 25.12 14.64 -4.75
C GLY B 36 24.22 14.25 -3.58
N VAL B 37 23.03 13.72 -3.89
CA VAL B 37 22.02 13.26 -2.91
C VAL B 37 22.58 12.09 -2.09
N ALA B 38 23.21 11.11 -2.77
CA ALA B 38 23.85 9.95 -2.14
C ALA B 38 24.99 10.42 -1.21
N GLN B 39 25.76 11.45 -1.64
CA GLN B 39 26.84 12.03 -0.84
C GLN B 39 26.27 12.78 0.37
N MET B 40 25.13 13.48 0.18
CA MET B 40 24.45 14.21 1.27
C MET B 40 23.91 13.25 2.33
N LYS B 41 23.42 12.06 1.92
CA LYS B 41 22.96 11.02 2.86
C LYS B 41 24.13 10.63 3.80
N ASP B 42 25.35 10.44 3.24
CA ASP B 42 26.57 10.10 3.99
C ASP B 42 26.95 11.17 5.02
N MET B 43 26.91 12.45 4.62
CA MET B 43 27.22 13.59 5.49
C MET B 43 26.23 13.78 6.63
N VAL B 44 24.92 13.58 6.35
CA VAL B 44 23.86 13.68 7.36
C VAL B 44 24.06 12.55 8.38
N THR B 45 24.34 11.32 7.92
CA THR B 45 24.62 10.16 8.77
C THR B 45 25.80 10.46 9.71
N GLU B 46 26.92 10.96 9.15
CA GLU B 46 28.14 11.32 9.86
C GLU B 46 27.94 12.46 10.86
N LEU B 47 27.09 13.44 10.54
CA LEU B 47 26.81 14.59 11.40
C LEU B 47 26.00 14.19 12.65
N PHE B 48 24.93 13.41 12.46
CA PHE B 48 24.03 12.99 13.54
C PHE B 48 24.47 11.75 14.35
N ASP B 49 25.33 10.86 13.80
CA ASP B 49 25.78 9.67 14.55
C ASP B 49 26.53 10.01 15.87
N PRO B 50 27.58 10.88 15.92
CA PRO B 50 28.20 11.19 17.23
C PRO B 50 27.43 12.27 18.00
N PRO C 2 -11.58 5.73 -21.39
CA PRO C 2 -10.23 6.20 -21.03
C PRO C 2 -9.28 5.09 -20.57
N ALA C 3 -7.96 5.39 -20.64
CA ALA C 3 -6.94 4.48 -20.15
C ALA C 3 -6.36 5.06 -18.86
N VAL C 4 -6.29 4.24 -17.82
CA VAL C 4 -5.76 4.65 -16.50
C VAL C 4 -4.53 3.84 -16.13
N LEU C 5 -3.51 4.54 -15.62
CA LEU C 5 -2.29 3.91 -15.11
C LEU C 5 -2.38 3.97 -13.58
N GLY C 6 -2.40 2.80 -12.96
CA GLY C 6 -2.57 2.62 -11.52
C GLY C 6 -1.34 2.11 -10.77
N PHE C 7 -1.04 2.74 -9.66
CA PHE C 7 0.12 2.41 -8.80
C PHE C 7 -0.35 1.91 -7.44
N GLU C 8 0.18 0.75 -7.01
CA GLU C 8 -0.14 0.12 -5.72
C GLU C 8 1.12 -0.39 -5.01
N GLY C 9 1.27 -0.02 -3.75
CA GLY C 9 2.36 -0.51 -2.91
C GLY C 9 2.11 -0.25 -1.44
N SER C 10 0.88 -0.50 -0.95
CA SER C 10 0.47 -0.16 0.41
C SER C 10 1.00 -1.14 1.48
N ALA C 11 1.29 -2.39 1.10
CA ALA C 11 1.87 -3.41 1.97
C ALA C 11 3.17 -3.92 1.26
N ASN C 12 3.50 -5.21 1.36
CA ASN C 12 4.72 -5.76 0.79
C ASN C 12 4.65 -6.11 -0.72
N LYS C 13 3.49 -5.88 -1.38
CA LYS C 13 3.35 -6.04 -2.83
C LYS C 13 3.44 -4.69 -3.53
N ILE C 14 4.18 -4.62 -4.63
CA ILE C 14 4.31 -3.39 -5.44
C ILE C 14 3.88 -3.76 -6.87
N GLY C 15 2.92 -3.02 -7.40
CA GLY C 15 2.42 -3.27 -8.74
C GLY C 15 2.02 -2.04 -9.51
N VAL C 16 2.14 -2.14 -10.84
CA VAL C 16 1.71 -1.09 -11.75
C VAL C 16 0.75 -1.73 -12.74
N GLY C 17 -0.45 -1.16 -12.84
CA GLY C 17 -1.47 -1.66 -13.74
C GLY C 17 -1.94 -0.67 -14.77
N VAL C 18 -2.42 -1.21 -15.90
CA VAL C 18 -3.00 -0.40 -16.97
C VAL C 18 -4.38 -0.95 -17.26
N VAL C 19 -5.41 -0.09 -17.16
CA VAL C 19 -6.79 -0.50 -17.46
C VAL C 19 -7.37 0.45 -18.50
N ARG C 20 -8.06 -0.10 -19.51
CA ARG C 20 -8.73 0.68 -20.55
C ARG C 20 -10.10 0.09 -20.82
N ASP C 21 -11.17 0.86 -20.53
CA ASP C 21 -12.57 0.52 -20.76
C ASP C 21 -12.92 -0.93 -20.42
N GLY C 22 -12.65 -1.29 -19.18
CA GLY C 22 -12.95 -2.61 -18.66
C GLY C 22 -11.99 -3.74 -19.00
N LYS C 23 -10.86 -3.41 -19.66
CA LYS C 23 -9.86 -4.41 -20.03
C LYS C 23 -8.54 -4.14 -19.32
N VAL C 24 -7.98 -5.17 -18.67
CA VAL C 24 -6.68 -5.03 -18.00
C VAL C 24 -5.62 -5.27 -19.08
N LEU C 25 -4.86 -4.23 -19.40
CA LEU C 25 -3.83 -4.30 -20.45
C LEU C 25 -2.46 -4.73 -19.91
N ALA C 26 -2.22 -4.50 -18.62
CA ALA C 26 -0.95 -4.85 -17.97
C ALA C 26 -1.15 -4.83 -16.47
N ASN C 27 -0.45 -5.70 -15.77
CA ASN C 27 -0.53 -5.83 -14.32
C ASN C 27 0.77 -6.41 -13.68
N PRO C 28 2.00 -5.96 -14.06
CA PRO C 28 3.21 -6.54 -13.42
C PRO C 28 3.23 -6.21 -11.94
N ARG C 29 3.74 -7.16 -11.14
CA ARG C 29 3.79 -7.02 -9.70
C ARG C 29 5.02 -7.74 -9.11
N ARG C 30 5.58 -7.21 -8.00
CA ARG C 30 6.67 -7.87 -7.24
C ARG C 30 6.24 -7.95 -5.78
N THR C 31 6.68 -9.00 -5.09
CA THR C 31 6.40 -9.22 -3.69
C THR C 31 7.70 -9.18 -2.89
N TYR C 32 7.73 -8.37 -1.81
CA TYR C 32 8.86 -8.32 -0.89
C TYR C 32 8.69 -9.52 0.09
N VAL C 33 9.56 -10.53 -0.07
CA VAL C 33 9.56 -11.77 0.72
C VAL C 33 10.68 -11.71 1.76
N THR C 34 10.32 -11.83 3.06
CA THR C 34 11.27 -11.81 4.18
C THR C 34 11.60 -13.25 4.68
N PRO C 35 12.73 -13.50 5.40
CA PRO C 35 13.03 -14.87 5.86
C PRO C 35 11.94 -15.47 6.77
N PRO C 36 11.79 -16.83 6.82
CA PRO C 36 10.75 -17.42 7.69
C PRO C 36 10.90 -16.99 9.14
N GLY C 37 9.77 -16.72 9.80
CA GLY C 37 9.74 -16.26 11.18
C GLY C 37 9.77 -14.75 11.32
N THR C 38 10.00 -14.02 10.20
CA THR C 38 10.03 -12.55 10.20
C THR C 38 8.87 -11.94 9.41
N GLY C 39 8.53 -10.70 9.75
CA GLY C 39 7.51 -9.91 9.09
C GLY C 39 8.15 -8.70 8.44
N PHE C 40 7.60 -8.26 7.29
CA PHE C 40 8.11 -7.08 6.57
C PHE C 40 7.90 -5.81 7.39
N LEU C 41 8.95 -4.96 7.49
CA LEU C 41 8.89 -3.70 8.22
C LEU C 41 8.69 -2.52 7.24
N PRO C 42 8.05 -1.40 7.65
CA PRO C 42 7.80 -0.29 6.69
C PRO C 42 9.04 0.23 5.95
N GLY C 43 10.14 0.45 6.68
CA GLY C 43 11.40 0.95 6.13
C GLY C 43 11.97 0.09 5.02
N ASP C 44 12.20 -1.21 5.32
CA ASP C 44 12.73 -2.15 4.33
C ASP C 44 11.77 -2.38 3.17
N THR C 45 10.45 -2.37 3.44
CA THR C 45 9.42 -2.54 2.41
C THR C 45 9.47 -1.35 1.42
N ALA C 46 9.56 -0.09 1.94
CA ALA C 46 9.63 1.11 1.09
C ALA C 46 10.92 1.06 0.24
N ARG C 47 12.05 0.57 0.81
CA ARG C 47 13.33 0.41 0.10
C ARG C 47 13.17 -0.56 -1.08
N HIS C 48 12.54 -1.74 -0.85
CA HIS C 48 12.26 -2.74 -1.87
C HIS C 48 11.43 -2.09 -3.03
N HIS C 49 10.34 -1.39 -2.67
CA HIS C 49 9.43 -0.75 -3.62
C HIS C 49 10.15 0.31 -4.47
N ARG C 50 11.03 1.13 -3.85
CA ARG C 50 11.78 2.16 -4.58
C ARG C 50 12.76 1.55 -5.60
N ALA C 51 13.35 0.39 -5.26
CA ALA C 51 14.31 -0.31 -6.12
C ALA C 51 13.67 -0.86 -7.42
N VAL C 52 12.36 -1.22 -7.38
CA VAL C 52 11.70 -1.85 -8.54
C VAL C 52 10.57 -1.07 -9.17
N ILE C 53 10.01 -0.05 -8.51
CA ILE C 53 8.84 0.68 -9.00
C ILE C 53 8.99 1.17 -10.46
N LEU C 54 10.12 1.80 -10.84
CA LEU C 54 10.29 2.33 -12.19
C LEU C 54 10.44 1.21 -13.23
N ASP C 55 10.96 0.05 -12.80
CA ASP C 55 11.07 -1.12 -13.71
C ASP C 55 9.64 -1.64 -14.01
N LEU C 56 8.77 -1.70 -12.97
CA LEU C 56 7.37 -2.11 -13.13
C LEU C 56 6.56 -1.13 -13.99
N LEU C 57 6.78 0.16 -13.79
CA LEU C 57 6.11 1.20 -14.57
C LEU C 57 6.40 1.01 -16.08
N GLN C 58 7.69 0.87 -16.47
CA GLN C 58 8.03 0.65 -17.89
C GLN C 58 7.51 -0.73 -18.37
N GLU C 59 7.55 -1.77 -17.51
CA GLU C 59 6.98 -3.08 -17.87
C GLU C 59 5.49 -2.90 -18.19
N ALA C 60 4.76 -2.10 -17.38
CA ALA C 60 3.33 -1.90 -17.61
C ALA C 60 3.07 -1.15 -18.92
N LEU C 61 3.84 -0.08 -19.19
CA LEU C 61 3.73 0.69 -20.42
C LEU C 61 3.96 -0.17 -21.66
N THR C 62 5.06 -0.94 -21.67
CA THR C 62 5.45 -1.80 -22.78
C THR C 62 4.45 -2.93 -23.02
N GLU C 63 4.02 -3.63 -21.96
CA GLU C 63 3.03 -4.71 -22.08
C GLU C 63 1.67 -4.19 -22.61
N SER C 64 1.21 -3.04 -22.10
CA SER C 64 -0.06 -2.44 -22.51
C SER C 64 -0.07 -1.95 -23.98
N GLY C 65 1.10 -1.60 -24.51
CA GLY C 65 1.24 -1.05 -25.86
C GLY C 65 0.94 0.43 -25.86
N LEU C 66 0.71 1.01 -24.67
CA LEU C 66 0.38 2.44 -24.56
C LEU C 66 1.58 3.29 -24.19
N THR C 67 1.64 4.50 -24.75
CA THR C 67 2.69 5.45 -24.38
C THR C 67 2.09 6.46 -23.42
N SER C 68 2.95 7.30 -22.81
CA SER C 68 2.63 8.36 -21.86
C SER C 68 1.38 9.16 -22.21
N GLN C 69 1.30 9.66 -23.46
CA GLN C 69 0.19 10.50 -23.87
C GLN C 69 -1.10 9.73 -24.21
N ASP C 70 -1.07 8.37 -24.30
CA ASP C 70 -2.26 7.53 -24.48
C ASP C 70 -2.97 7.34 -23.10
N ILE C 71 -2.27 7.64 -22.00
CA ILE C 71 -2.82 7.51 -20.64
C ILE C 71 -3.64 8.77 -20.32
N ASP C 72 -4.86 8.60 -19.85
CA ASP C 72 -5.75 9.72 -19.55
C ASP C 72 -5.70 10.17 -18.10
N CYS C 73 -5.29 9.27 -17.18
CA CYS C 73 -5.31 9.55 -15.74
C CYS C 73 -4.30 8.69 -15.00
N ILE C 74 -3.73 9.27 -13.95
CA ILE C 74 -2.81 8.55 -13.06
C ILE C 74 -3.54 8.28 -11.74
N ALA C 75 -3.65 7.00 -11.38
CA ALA C 75 -4.27 6.61 -10.11
C ALA C 75 -3.22 5.99 -9.18
N TYR C 76 -3.33 6.26 -7.88
CA TYR C 76 -2.39 5.71 -6.90
C TYR C 76 -3.17 5.47 -5.59
N THR C 77 -2.64 4.61 -4.72
CA THR C 77 -3.31 4.34 -3.45
C THR C 77 -3.07 5.50 -2.48
N LYS C 78 -4.12 6.20 -2.10
CA LYS C 78 -4.01 7.29 -1.12
C LYS C 78 -3.87 6.66 0.31
N GLY C 79 -4.46 5.50 0.48
CA GLY C 79 -4.45 4.76 1.75
C GLY C 79 -5.63 3.80 1.84
N PRO C 80 -5.79 3.03 2.96
CA PRO C 80 -4.88 2.91 4.11
C PRO C 80 -3.66 2.04 3.73
N GLY C 81 -2.71 1.93 4.67
CA GLY C 81 -1.52 1.12 4.50
C GLY C 81 -0.32 1.62 5.28
N MET C 82 0.85 1.06 5.00
CA MET C 82 2.10 1.43 5.65
C MET C 82 2.58 2.78 5.11
N GLY C 83 2.92 3.67 6.02
CA GLY C 83 3.41 5.03 5.74
C GLY C 83 4.50 5.19 4.69
N ALA C 84 5.72 4.70 4.99
CA ALA C 84 6.88 4.79 4.09
C ALA C 84 6.58 4.21 2.66
N PRO C 85 6.04 2.97 2.52
CA PRO C 85 5.69 2.45 1.18
C PRO C 85 4.62 3.26 0.44
N LEU C 86 3.59 3.77 1.14
CA LEU C 86 2.57 4.60 0.47
C LEU C 86 3.21 5.89 -0.09
N VAL C 87 4.13 6.54 0.69
CA VAL C 87 4.78 7.79 0.27
C VAL C 87 5.60 7.54 -1.01
N SER C 88 6.44 6.47 -1.00
CA SER C 88 7.30 6.11 -2.13
C SER C 88 6.52 5.90 -3.42
N VAL C 89 5.37 5.24 -3.35
CA VAL C 89 4.52 5.02 -4.53
C VAL C 89 3.88 6.35 -5.01
N ALA C 90 3.32 7.13 -4.05
CA ALA C 90 2.71 8.42 -4.35
C ALA C 90 3.67 9.42 -5.01
N VAL C 91 4.94 9.50 -4.52
CA VAL C 91 5.91 10.45 -5.09
C VAL C 91 6.12 10.15 -6.59
N VAL C 92 6.17 8.85 -6.98
CA VAL C 92 6.28 8.43 -8.38
C VAL C 92 5.03 8.83 -9.18
N ALA C 93 3.81 8.45 -8.67
CA ALA C 93 2.52 8.76 -9.32
C ALA C 93 2.41 10.26 -9.55
N ARG C 94 2.70 11.06 -8.51
CA ARG C 94 2.67 12.53 -8.63
C ARG C 94 3.66 13.02 -9.67
N THR C 95 4.89 12.40 -9.76
CA THR C 95 5.93 12.85 -10.72
C THR C 95 5.51 12.56 -12.15
N VAL C 96 5.02 11.35 -12.45
CA VAL C 96 4.62 11.03 -13.82
C VAL C 96 3.39 11.86 -14.21
N ALA C 97 2.47 12.13 -13.26
CA ALA C 97 1.29 12.96 -13.56
C ALA C 97 1.75 14.36 -14.03
N GLN C 98 2.75 14.93 -13.35
CA GLN C 98 3.28 16.28 -13.67
C GLN C 98 4.08 16.29 -14.98
N LEU C 99 4.94 15.27 -15.16
CA LEU C 99 5.78 15.11 -16.36
C LEU C 99 4.95 15.01 -17.65
N TRP C 100 3.87 14.22 -17.58
CA TRP C 100 3.01 13.94 -18.72
C TRP C 100 1.84 14.93 -18.78
N ASN C 101 1.70 15.77 -17.74
CA ASN C 101 0.63 16.75 -17.59
C ASN C 101 -0.75 16.08 -17.67
N LYS C 102 -0.93 15.09 -16.80
CA LYS C 102 -2.14 14.28 -16.70
C LYS C 102 -2.79 14.49 -15.33
N PRO C 103 -4.13 14.34 -15.22
CA PRO C 103 -4.76 14.43 -13.90
C PRO C 103 -4.38 13.23 -13.00
N LEU C 104 -4.57 13.43 -11.71
CA LEU C 104 -4.27 12.48 -10.66
C LEU C 104 -5.52 12.17 -9.83
N VAL C 105 -5.66 10.89 -9.44
CA VAL C 105 -6.75 10.41 -8.59
C VAL C 105 -6.18 9.49 -7.47
N GLY C 106 -6.37 9.93 -6.21
CA GLY C 106 -6.01 9.22 -4.98
C GLY C 106 -7.11 8.24 -4.65
N VAL C 107 -6.78 6.93 -4.65
CA VAL C 107 -7.75 5.86 -4.50
C VAL C 107 -7.64 5.20 -3.12
N ASN C 108 -8.80 4.87 -2.55
CA ASN C 108 -8.86 4.12 -1.31
C ASN C 108 -8.58 2.62 -1.69
N HIS C 109 -7.65 2.00 -0.98
CA HIS C 109 -7.18 0.63 -1.22
C HIS C 109 -8.31 -0.40 -1.28
N CYS C 110 -9.27 -0.33 -0.33
CA CYS C 110 -10.45 -1.22 -0.27
C CYS C 110 -11.38 -1.03 -1.48
N ILE C 111 -11.62 0.23 -1.87
CA ILE C 111 -12.42 0.53 -3.05
C ILE C 111 -11.72 -0.04 -4.31
N GLY C 112 -10.38 -0.06 -4.34
CA GLY C 112 -9.61 -0.68 -5.42
C GLY C 112 -9.96 -2.17 -5.54
N HIS C 113 -9.90 -2.90 -4.40
CA HIS C 113 -10.26 -4.33 -4.32
C HIS C 113 -11.71 -4.61 -4.73
N ILE C 114 -12.65 -3.81 -4.23
CA ILE C 114 -14.09 -3.89 -4.52
C ILE C 114 -14.34 -3.67 -6.02
N GLU C 115 -13.84 -2.55 -6.59
CA GLU C 115 -14.06 -2.22 -8.01
C GLU C 115 -13.46 -3.28 -8.95
N MET C 116 -12.25 -3.78 -8.65
CA MET C 116 -11.64 -4.86 -9.43
C MET C 116 -12.46 -6.15 -9.25
N GLY C 117 -12.98 -6.38 -8.03
CA GLY C 117 -13.81 -7.53 -7.69
C GLY C 117 -15.07 -7.52 -8.54
N ARG C 118 -15.72 -6.33 -8.62
CA ARG C 118 -16.94 -6.10 -9.41
C ARG C 118 -16.67 -6.23 -10.93
N LEU C 119 -15.52 -5.70 -11.42
CA LEU C 119 -15.18 -5.80 -12.86
C LEU C 119 -14.99 -7.27 -13.33
N ILE C 120 -14.08 -8.02 -12.68
CA ILE C 120 -13.71 -9.40 -13.01
C ILE C 120 -14.85 -10.40 -12.85
N THR C 121 -15.53 -10.37 -11.71
CA THR C 121 -16.56 -11.33 -11.37
C THR C 121 -17.97 -11.01 -11.92
N GLY C 122 -18.23 -9.72 -12.20
CA GLY C 122 -19.51 -9.25 -12.69
C GLY C 122 -20.61 -9.25 -11.64
N ALA C 123 -20.27 -8.98 -10.35
CA ALA C 123 -21.25 -8.95 -9.25
C ALA C 123 -22.09 -7.67 -9.30
N THR C 124 -23.41 -7.82 -9.20
CA THR C 124 -24.37 -6.72 -9.30
C THR C 124 -24.50 -5.94 -7.98
N SER C 125 -25.07 -6.58 -6.94
CA SER C 125 -25.29 -5.96 -5.62
C SER C 125 -24.90 -6.97 -4.53
N PRO C 126 -23.59 -7.28 -4.38
CA PRO C 126 -23.21 -8.26 -3.36
C PRO C 126 -22.96 -7.65 -1.98
N THR C 127 -22.92 -8.53 -0.98
CA THR C 127 -22.47 -8.20 0.34
C THR C 127 -21.00 -8.52 0.15
N VAL C 128 -20.15 -7.58 0.48
CA VAL C 128 -18.72 -7.73 0.26
C VAL C 128 -17.98 -8.10 1.55
N LEU C 129 -17.12 -9.11 1.46
CA LEU C 129 -16.23 -9.48 2.54
C LEU C 129 -14.83 -9.11 2.06
N TYR C 130 -14.24 -8.11 2.72
CA TYR C 130 -12.90 -7.68 2.41
C TYR C 130 -11.91 -8.14 3.48
N VAL C 131 -11.07 -9.12 3.12
CA VAL C 131 -10.14 -9.75 4.03
C VAL C 131 -8.71 -9.79 3.48
N SER C 132 -7.76 -9.27 4.24
CA SER C 132 -6.33 -9.24 3.91
C SER C 132 -5.53 -9.16 5.21
N GLY C 133 -4.22 -8.97 5.08
CA GLY C 133 -3.31 -8.79 6.22
C GLY C 133 -3.51 -7.47 6.94
N GLY C 134 -4.06 -6.49 6.24
CA GLY C 134 -4.33 -5.15 6.77
C GLY C 134 -5.78 -4.82 7.05
N ASN C 135 -6.72 -5.55 6.42
CA ASN C 135 -8.16 -5.27 6.61
C ASN C 135 -9.01 -6.52 6.83
N THR C 136 -10.15 -6.32 7.51
CA THR C 136 -11.21 -7.29 7.74
C THR C 136 -12.50 -6.52 7.94
N GLN C 137 -13.31 -6.44 6.87
CA GLN C 137 -14.57 -5.69 6.87
C GLN C 137 -15.66 -6.37 6.08
N VAL C 138 -16.91 -6.14 6.51
CA VAL C 138 -18.11 -6.58 5.82
C VAL C 138 -18.77 -5.28 5.34
N ILE C 139 -18.81 -5.12 4.02
CA ILE C 139 -19.27 -3.92 3.34
C ILE C 139 -20.48 -4.21 2.47
N ALA C 140 -21.35 -3.21 2.34
CA ALA C 140 -22.51 -3.23 1.45
C ALA C 140 -22.69 -1.81 0.91
N TYR C 141 -22.77 -1.69 -0.42
CA TYR C 141 -22.99 -0.42 -1.09
C TYR C 141 -24.42 0.05 -0.85
N SER C 142 -24.58 1.35 -0.51
CA SER C 142 -25.86 2.01 -0.30
C SER C 142 -25.68 3.53 -0.34
N GLU C 143 -26.51 4.24 -1.14
CA GLU C 143 -26.55 5.71 -1.25
C GLU C 143 -25.16 6.38 -1.30
N HIS C 144 -24.37 6.03 -2.33
CA HIS C 144 -23.04 6.59 -2.63
C HIS C 144 -22.01 6.40 -1.56
N ARG C 145 -22.09 5.27 -0.82
CA ARG C 145 -21.13 4.89 0.19
C ARG C 145 -20.99 3.37 0.22
N TYR C 146 -19.75 2.92 0.40
CA TYR C 146 -19.44 1.53 0.66
C TYR C 146 -19.43 1.49 2.19
N ARG C 147 -20.61 1.22 2.78
CA ARG C 147 -20.86 1.23 4.22
C ARG C 147 -20.32 0.01 4.95
N ILE C 148 -19.69 0.24 6.10
CA ILE C 148 -19.11 -0.81 6.92
C ILE C 148 -20.17 -1.35 7.88
N PHE C 149 -20.64 -2.58 7.62
CA PHE C 149 -21.64 -3.23 8.47
C PHE C 149 -21.01 -3.97 9.64
N GLY C 150 -19.82 -4.52 9.42
CA GLY C 150 -19.06 -5.25 10.42
C GLY C 150 -17.57 -5.19 10.12
N GLU C 151 -16.76 -5.36 11.16
CA GLU C 151 -15.30 -5.30 11.01
C GLU C 151 -14.57 -5.89 12.21
N THR C 152 -13.27 -6.12 12.04
CA THR C 152 -12.40 -6.52 13.15
C THR C 152 -12.27 -5.34 14.11
N ILE C 153 -12.29 -5.64 15.41
CA ILE C 153 -12.13 -4.60 16.43
C ILE C 153 -10.67 -4.53 16.90
N ASP C 154 -9.79 -5.38 16.32
CA ASP C 154 -8.36 -5.42 16.64
C ASP C 154 -7.50 -5.68 15.38
N ILE C 155 -7.07 -6.92 15.14
CA ILE C 155 -6.21 -7.29 14.02
C ILE C 155 -7.00 -7.91 12.85
N ALA C 156 -6.50 -7.73 11.62
CA ALA C 156 -7.09 -8.31 10.41
C ALA C 156 -6.88 -9.84 10.42
N VAL C 157 -7.79 -10.60 9.80
CA VAL C 157 -7.70 -12.07 9.73
C VAL C 157 -6.38 -12.52 9.05
N GLY C 158 -5.93 -11.77 8.03
CA GLY C 158 -4.66 -12.04 7.34
C GLY C 158 -3.45 -11.84 8.24
N ASN C 159 -3.53 -10.86 9.16
CA ASN C 159 -2.49 -10.54 10.15
C ASN C 159 -2.41 -11.70 11.16
N CYS C 160 -3.57 -12.26 11.57
CA CYS C 160 -3.65 -13.41 12.47
C CYS C 160 -2.95 -14.62 11.82
N LEU C 161 -3.23 -14.87 10.52
CA LEU C 161 -2.64 -15.98 9.75
C LEU C 161 -1.15 -15.78 9.53
N ASP C 162 -0.73 -14.55 9.14
CA ASP C 162 0.68 -14.24 8.89
C ASP C 162 1.54 -14.37 10.14
N ARG C 163 1.03 -13.88 11.30
CA ARG C 163 1.77 -13.96 12.56
C ARG C 163 1.89 -15.39 13.08
N PHE C 164 0.87 -16.23 12.81
CA PHE C 164 0.89 -17.63 13.20
C PHE C 164 1.95 -18.40 12.36
N ALA C 165 2.15 -17.99 11.09
CA ALA C 165 3.16 -18.58 10.21
C ALA C 165 4.56 -18.25 10.77
N ARG C 166 4.74 -17.02 11.29
CA ARG C 166 5.99 -16.58 11.89
C ARG C 166 6.36 -17.37 13.14
N VAL C 167 5.37 -17.68 14.02
CA VAL C 167 5.62 -18.46 15.24
C VAL C 167 6.06 -19.90 14.91
N LEU C 168 5.49 -20.50 13.83
CA LEU C 168 5.84 -21.84 13.37
C LEU C 168 7.05 -21.83 12.41
N LYS C 169 7.59 -20.64 12.10
CA LYS C 169 8.72 -20.42 11.18
C LYS C 169 8.46 -21.00 9.77
N ILE C 170 7.20 -20.91 9.31
CA ILE C 170 6.74 -21.30 7.98
C ILE C 170 7.23 -20.24 6.98
N SER C 171 7.59 -20.65 5.76
CA SER C 171 8.08 -19.77 4.69
C SER C 171 7.08 -18.67 4.32
N ASN C 172 7.60 -17.51 3.93
CA ASN C 172 6.80 -16.37 3.49
C ASN C 172 6.73 -16.33 1.96
N ASP C 173 7.23 -17.40 1.29
CA ASP C 173 7.29 -17.53 -0.17
C ASP C 173 6.33 -18.65 -0.68
N PRO C 174 5.33 -18.35 -1.55
CA PRO C 174 4.96 -17.04 -2.14
C PRO C 174 4.31 -16.08 -1.15
N SER C 175 3.70 -16.63 -0.08
CA SER C 175 3.03 -15.87 0.99
C SER C 175 2.87 -16.79 2.23
N PRO C 176 2.96 -16.24 3.47
CA PRO C 176 2.76 -17.10 4.65
C PRO C 176 1.35 -17.72 4.64
N GLY C 177 0.35 -16.95 4.19
CA GLY C 177 -1.03 -17.37 4.04
C GLY C 177 -1.19 -18.59 3.15
N TYR C 178 -0.58 -18.54 1.94
CA TYR C 178 -0.64 -19.65 0.98
C TYR C 178 -0.03 -20.92 1.57
N ASN C 179 1.12 -20.79 2.26
CA ASN C 179 1.82 -21.92 2.86
C ASN C 179 1.05 -22.51 4.04
N ILE C 180 0.29 -21.67 4.81
CA ILE C 180 -0.60 -22.10 5.91
C ILE C 180 -1.70 -22.96 5.26
N GLU C 181 -2.24 -22.47 4.14
CA GLU C 181 -3.31 -23.10 3.35
C GLU C 181 -2.91 -24.50 2.85
N GLN C 182 -1.70 -24.64 2.28
CA GLN C 182 -1.17 -25.93 1.79
C GLN C 182 -0.93 -26.92 2.93
N MET C 183 -0.45 -26.40 4.08
CA MET C 183 -0.22 -27.21 5.27
C MET C 183 -1.53 -27.69 5.89
N ALA C 184 -2.58 -26.82 5.89
CA ALA C 184 -3.92 -27.11 6.42
C ALA C 184 -4.60 -28.31 5.74
N LYS C 185 -4.36 -28.51 4.42
CA LYS C 185 -4.92 -29.62 3.62
C LYS C 185 -4.47 -30.99 4.14
N ARG C 186 -3.27 -31.03 4.76
CA ARG C 186 -2.69 -32.25 5.33
C ARG C 186 -3.07 -32.44 6.80
N GLY C 187 -3.76 -31.45 7.39
CA GLY C 187 -4.24 -31.51 8.78
C GLY C 187 -5.25 -32.61 9.01
N LYS C 188 -5.15 -33.32 10.15
CA LYS C 188 -6.07 -34.41 10.46
C LYS C 188 -6.80 -34.25 11.80
N LYS C 189 -6.22 -33.49 12.74
CA LYS C 189 -6.84 -33.28 14.04
C LYS C 189 -7.33 -31.84 14.21
N LEU C 190 -8.60 -31.68 14.65
CA LEU C 190 -9.22 -30.38 14.89
C LEU C 190 -8.98 -29.97 16.34
N VAL C 191 -8.13 -28.96 16.53
CA VAL C 191 -7.81 -28.42 17.85
C VAL C 191 -8.81 -27.28 18.11
N GLU C 192 -9.53 -27.33 19.24
CA GLU C 192 -10.52 -26.30 19.57
C GLU C 192 -9.87 -24.97 19.94
N LEU C 193 -10.41 -23.89 19.40
CA LEU C 193 -9.87 -22.55 19.59
C LEU C 193 -10.99 -21.58 19.98
N PRO C 194 -10.69 -20.38 20.55
CA PRO C 194 -11.77 -19.41 20.81
C PRO C 194 -12.51 -19.01 19.52
N TYR C 195 -13.83 -18.83 19.62
CA TYR C 195 -14.73 -18.41 18.55
C TYR C 195 -15.23 -17.06 19.02
N THR C 196 -14.69 -15.97 18.45
CA THR C 196 -14.94 -14.62 18.98
C THR C 196 -15.67 -13.66 18.00
N VAL C 197 -16.95 -13.98 17.71
CA VAL C 197 -17.82 -13.14 16.89
C VAL C 197 -18.56 -12.19 17.87
N LYS C 198 -18.63 -10.89 17.53
CA LYS C 198 -19.28 -9.86 18.33
C LYS C 198 -20.38 -9.19 17.51
N GLY C 199 -21.48 -9.92 17.34
CA GLY C 199 -22.62 -9.50 16.51
C GLY C 199 -22.23 -9.49 15.04
N MET C 200 -21.99 -8.30 14.50
CA MET C 200 -21.52 -8.15 13.12
C MET C 200 -19.99 -7.98 13.09
N ASP C 201 -19.37 -7.76 14.27
CA ASP C 201 -17.94 -7.55 14.40
C ASP C 201 -17.17 -8.84 14.77
N VAL C 202 -15.83 -8.81 14.58
CA VAL C 202 -14.94 -9.93 14.88
C VAL C 202 -13.73 -9.47 15.68
N SER C 203 -13.06 -10.44 16.31
CA SER C 203 -11.85 -10.24 17.09
C SER C 203 -10.89 -11.41 16.76
N PHE C 204 -9.59 -11.14 16.60
CA PHE C 204 -8.64 -12.23 16.32
C PHE C 204 -7.43 -12.27 17.26
N SER C 205 -7.23 -11.21 18.08
CA SER C 205 -6.11 -11.12 19.04
C SER C 205 -6.06 -12.29 20.03
N GLY C 206 -7.22 -12.63 20.59
CA GLY C 206 -7.39 -13.75 21.52
C GLY C 206 -7.08 -15.10 20.91
N ILE C 207 -7.55 -15.35 19.65
CA ILE C 207 -7.31 -16.59 18.92
C ILE C 207 -5.82 -16.77 18.66
N LEU C 208 -5.15 -15.69 18.21
CA LEU C 208 -3.72 -15.70 17.93
C LEU C 208 -2.88 -16.01 19.18
N SER C 209 -3.19 -15.36 20.33
CA SER C 209 -2.45 -15.62 21.57
C SER C 209 -2.67 -17.06 22.05
N PHE C 210 -3.92 -17.58 21.89
CA PHE C 210 -4.28 -18.95 22.24
C PHE C 210 -3.52 -19.96 21.41
N ILE C 211 -3.55 -19.82 20.07
CA ILE C 211 -2.86 -20.74 19.17
C ILE C 211 -1.32 -20.60 19.29
N GLU C 212 -0.79 -19.40 19.67
CA GLU C 212 0.65 -19.22 19.93
C GLU C 212 1.07 -20.16 21.10
N ASP C 213 0.27 -20.19 22.19
CA ASP C 213 0.49 -21.04 23.36
C ASP C 213 0.36 -22.52 23.03
N VAL C 214 -0.64 -22.88 22.18
CA VAL C 214 -0.86 -24.26 21.70
C VAL C 214 0.35 -24.71 20.84
N ALA C 215 0.95 -23.77 20.06
CA ALA C 215 2.13 -24.04 19.23
C ALA C 215 3.38 -24.32 20.08
N HIS C 216 3.62 -23.50 21.14
CA HIS C 216 4.76 -23.69 22.05
C HIS C 216 4.64 -24.97 22.87
N ARG C 217 3.39 -25.40 23.11
CA ARG C 217 3.02 -26.64 23.81
C ARG C 217 3.40 -27.83 22.91
N MET C 218 3.22 -27.69 21.58
CA MET C 218 3.53 -28.71 20.57
C MET C 218 5.04 -28.94 20.40
N LEU C 219 5.82 -27.84 20.26
CA LEU C 219 7.28 -27.88 20.10
C LEU C 219 7.98 -28.50 21.32
N ALA C 220 7.25 -28.57 22.45
CA ALA C 220 7.72 -29.16 23.71
C ALA C 220 7.11 -30.55 23.98
N THR C 221 5.82 -30.77 23.68
CA THR C 221 5.16 -32.06 23.97
C THR C 221 4.86 -32.91 22.73
N GLY C 222 4.36 -32.27 21.67
CA GLY C 222 4.02 -32.93 20.41
C GLY C 222 2.75 -33.75 20.40
N GLU C 223 1.63 -33.19 20.93
CA GLU C 223 0.33 -33.86 20.94
C GLU C 223 -0.25 -33.88 19.52
N CYS C 224 -0.08 -32.75 18.78
CA CYS C 224 -0.53 -32.55 17.38
C CYS C 224 0.64 -32.11 16.48
N THR C 225 0.36 -31.87 15.17
CA THR C 225 1.35 -31.47 14.16
C THR C 225 1.12 -30.01 13.68
N PRO C 226 2.15 -29.32 13.11
CA PRO C 226 1.91 -27.95 12.59
C PRO C 226 0.79 -27.89 11.54
N GLU C 227 0.58 -29.01 10.80
CA GLU C 227 -0.50 -29.16 9.80
C GLU C 227 -1.89 -29.16 10.47
N ASP C 228 -2.02 -29.78 11.67
CA ASP C 228 -3.27 -29.81 12.44
C ASP C 228 -3.67 -28.40 12.88
N LEU C 229 -2.69 -27.59 13.35
CA LEU C 229 -2.93 -26.23 13.81
C LEU C 229 -3.29 -25.26 12.67
N CYS C 230 -2.69 -25.43 11.46
CA CYS C 230 -3.02 -24.62 10.27
C CYS C 230 -4.46 -24.90 9.88
N PHE C 231 -4.84 -26.19 9.87
CA PHE C 231 -6.17 -26.70 9.60
C PHE C 231 -7.18 -26.12 10.60
N SER C 232 -6.85 -26.21 11.91
CA SER C 232 -7.68 -25.73 13.01
C SER C 232 -7.87 -24.22 12.96
N LEU C 233 -6.78 -23.44 12.80
CA LEU C 233 -6.85 -21.98 12.71
C LEU C 233 -7.77 -21.54 11.59
N GLN C 234 -7.61 -22.12 10.40
CA GLN C 234 -8.43 -21.83 9.21
C GLN C 234 -9.89 -22.16 9.46
N GLU C 235 -10.20 -23.35 10.02
CA GLU C 235 -11.58 -23.74 10.31
C GLU C 235 -12.31 -22.74 11.23
N THR C 236 -11.61 -22.20 12.24
CA THR C 236 -12.16 -21.25 13.21
C THR C 236 -12.36 -19.85 12.59
N VAL C 237 -11.27 -19.22 12.08
CA VAL C 237 -11.30 -17.85 11.55
C VAL C 237 -12.22 -17.74 10.32
N PHE C 238 -12.24 -18.76 9.44
CA PHE C 238 -13.10 -18.72 8.26
C PHE C 238 -14.57 -18.92 8.60
N ALA C 239 -14.91 -19.77 9.62
CA ALA C 239 -16.29 -19.98 10.08
C ALA C 239 -16.84 -18.66 10.65
N MET C 240 -16.00 -17.93 11.40
CA MET C 240 -16.32 -16.61 11.98
C MET C 240 -16.59 -15.57 10.86
N LEU C 241 -15.75 -15.54 9.79
CA LEU C 241 -15.93 -14.61 8.65
C LEU C 241 -17.22 -14.91 7.93
N VAL C 242 -17.55 -16.21 7.76
CA VAL C 242 -18.77 -16.70 7.13
C VAL C 242 -20.01 -16.22 7.93
N GLU C 243 -19.95 -16.33 9.28
CA GLU C 243 -21.04 -15.92 10.17
C GLU C 243 -21.37 -14.43 10.04
N ILE C 244 -20.37 -13.56 10.13
CA ILE C 244 -20.59 -12.11 10.02
C ILE C 244 -21.06 -11.72 8.59
N THR C 245 -20.58 -12.44 7.54
CA THR C 245 -20.99 -12.17 6.15
C THR C 245 -22.48 -12.55 6.03
N GLU C 246 -22.87 -13.75 6.53
CA GLU C 246 -24.25 -14.24 6.55
C GLU C 246 -25.19 -13.28 7.30
N ARG C 247 -24.75 -12.74 8.45
CA ARG C 247 -25.52 -11.79 9.25
C ARG C 247 -25.78 -10.48 8.48
N ALA C 248 -24.80 -10.01 7.67
CA ALA C 248 -24.96 -8.82 6.86
C ALA C 248 -25.88 -9.09 5.67
N MET C 249 -25.75 -10.29 5.03
CA MET C 249 -26.55 -10.74 3.89
C MET C 249 -28.02 -10.82 4.27
N ALA C 250 -28.31 -11.35 5.47
CA ALA C 250 -29.66 -11.52 6.02
C ALA C 250 -30.33 -10.18 6.31
N HIS C 251 -29.56 -9.21 6.84
CA HIS C 251 -30.07 -7.88 7.19
C HIS C 251 -30.38 -7.00 5.95
N CYS C 252 -29.75 -7.30 4.79
CA CYS C 252 -29.94 -6.52 3.56
C CYS C 252 -30.67 -7.26 2.42
N GLY C 253 -30.93 -8.56 2.61
CA GLY C 253 -31.59 -9.40 1.62
C GLY C 253 -30.73 -9.67 0.40
N SER C 254 -29.40 -9.68 0.61
CA SER C 254 -28.39 -9.90 -0.43
C SER C 254 -28.46 -11.35 -0.94
N GLN C 255 -28.41 -11.51 -2.27
CA GLN C 255 -28.46 -12.82 -2.93
C GLN C 255 -27.08 -13.14 -3.54
N GLU C 256 -26.11 -12.25 -3.28
CA GLU C 256 -24.74 -12.35 -3.77
C GLU C 256 -23.75 -12.02 -2.66
N ALA C 257 -22.58 -12.67 -2.71
CA ALA C 257 -21.48 -12.43 -1.78
C ALA C 257 -20.22 -12.35 -2.61
N LEU C 258 -19.40 -11.37 -2.32
CA LEU C 258 -18.14 -11.15 -3.02
C LEU C 258 -17.02 -11.06 -2.00
N ILE C 259 -15.99 -11.86 -2.20
CA ILE C 259 -14.82 -11.85 -1.32
C ILE C 259 -13.68 -11.18 -2.08
N VAL C 260 -13.09 -10.15 -1.48
CA VAL C 260 -11.96 -9.41 -2.05
C VAL C 260 -10.82 -9.36 -1.01
N GLY C 261 -9.61 -9.08 -1.47
CA GLY C 261 -8.42 -9.01 -0.63
C GLY C 261 -7.64 -10.30 -0.69
N GLY C 262 -6.40 -10.27 -0.22
CA GLY C 262 -5.46 -11.39 -0.23
C GLY C 262 -5.97 -12.71 0.32
N VAL C 263 -6.74 -12.67 1.42
CA VAL C 263 -7.30 -13.88 2.07
C VAL C 263 -8.43 -14.50 1.20
N GLY C 264 -8.95 -13.71 0.25
CA GLY C 264 -9.96 -14.15 -0.70
C GLY C 264 -9.44 -15.21 -1.68
N CYS C 265 -8.08 -15.37 -1.76
CA CYS C 265 -7.38 -16.35 -2.60
C CYS C 265 -7.59 -17.76 -2.07
N ASN C 266 -7.67 -17.89 -0.74
CA ASN C 266 -7.85 -19.15 -0.02
C ASN C 266 -9.08 -19.94 -0.53
N VAL C 267 -8.84 -21.12 -1.19
CA VAL C 267 -9.92 -21.94 -1.75
C VAL C 267 -10.80 -22.56 -0.63
N ARG C 268 -10.24 -22.82 0.58
CA ARG C 268 -11.02 -23.35 1.70
C ARG C 268 -12.04 -22.30 2.20
N LEU C 269 -11.62 -21.02 2.39
CA LEU C 269 -12.55 -19.94 2.78
C LEU C 269 -13.65 -19.81 1.70
N GLN C 270 -13.25 -19.82 0.40
CA GLN C 270 -14.17 -19.76 -0.74
C GLN C 270 -15.18 -20.91 -0.67
N GLU C 271 -14.70 -22.14 -0.37
CA GLU C 271 -15.52 -23.35 -0.21
C GLU C 271 -16.53 -23.16 0.94
N MET C 272 -16.06 -22.64 2.10
CA MET C 272 -16.90 -22.38 3.29
C MET C 272 -17.96 -21.32 3.05
N MET C 273 -17.58 -20.22 2.38
CA MET C 273 -18.50 -19.13 2.05
C MET C 273 -19.54 -19.61 1.04
N ALA C 274 -19.06 -20.25 -0.07
CA ALA C 274 -19.91 -20.80 -1.13
C ALA C 274 -20.94 -21.80 -0.63
N THR C 275 -20.59 -22.57 0.45
CA THR C 275 -21.48 -23.55 1.10
C THR C 275 -22.59 -22.80 1.85
N MET C 276 -22.24 -21.74 2.61
CA MET C 276 -23.20 -20.90 3.36
C MET C 276 -24.16 -20.23 2.36
N CYS C 277 -23.60 -19.73 1.23
CA CYS C 277 -24.35 -19.09 0.14
C CYS C 277 -25.33 -20.09 -0.50
N GLN C 278 -24.86 -21.32 -0.78
CA GLN C 278 -25.65 -22.44 -1.33
C GLN C 278 -26.92 -22.72 -0.52
N GLU C 279 -26.80 -22.85 0.83
CA GLU C 279 -27.91 -23.12 1.76
C GLU C 279 -28.92 -21.97 1.87
N ARG C 280 -28.48 -20.75 1.58
CA ARG C 280 -29.26 -19.52 1.60
C ARG C 280 -29.94 -19.28 0.22
N GLY C 281 -29.46 -19.97 -0.82
CA GLY C 281 -29.93 -19.81 -2.19
C GLY C 281 -29.27 -18.63 -2.88
N ALA C 282 -28.07 -18.25 -2.37
CA ALA C 282 -27.26 -17.14 -2.83
C ALA C 282 -26.04 -17.59 -3.65
N ARG C 283 -25.46 -16.65 -4.41
CA ARG C 283 -24.29 -16.85 -5.27
C ARG C 283 -23.03 -16.31 -4.59
N LEU C 284 -21.92 -17.04 -4.73
CA LEU C 284 -20.63 -16.59 -4.21
C LEU C 284 -19.71 -16.23 -5.39
N PHE C 285 -19.21 -15.00 -5.37
CA PHE C 285 -18.28 -14.46 -6.35
C PHE C 285 -16.88 -14.35 -5.74
N ALA C 286 -15.86 -14.82 -6.50
CA ALA C 286 -14.47 -14.81 -6.08
C ALA C 286 -13.55 -14.58 -7.27
N THR C 287 -12.54 -13.70 -7.11
CA THR C 287 -11.55 -13.44 -8.14
C THR C 287 -10.46 -14.51 -8.10
N ASP C 288 -9.55 -14.47 -9.07
CA ASP C 288 -8.46 -15.43 -9.16
C ASP C 288 -7.13 -14.83 -8.67
N GLU C 289 -6.06 -15.68 -8.62
CA GLU C 289 -4.67 -15.38 -8.20
C GLU C 289 -4.09 -14.09 -8.80
N ARG C 290 -4.50 -13.73 -10.04
CA ARG C 290 -4.02 -12.51 -10.69
C ARG C 290 -4.49 -11.25 -9.97
N PHE C 291 -5.71 -11.29 -9.34
CA PHE C 291 -6.28 -10.06 -8.75
C PHE C 291 -6.64 -10.10 -7.26
N CYS C 292 -6.69 -11.26 -6.59
CA CYS C 292 -7.05 -11.28 -5.16
C CYS C 292 -6.01 -10.53 -4.30
N ILE C 293 -4.72 -10.68 -4.67
CA ILE C 293 -3.60 -10.01 -3.99
C ILE C 293 -3.51 -8.56 -4.52
N ASP C 294 -3.03 -7.62 -3.67
CA ASP C 294 -2.79 -6.22 -4.04
C ASP C 294 -2.08 -6.12 -5.40
N ASN C 295 -2.59 -5.24 -6.30
CA ASN C 295 -2.04 -5.08 -7.64
C ASN C 295 -2.38 -3.69 -8.16
N GLY C 296 -1.60 -3.21 -9.11
CA GLY C 296 -1.82 -1.89 -9.69
C GLY C 296 -3.10 -1.76 -10.49
N ALA C 297 -3.55 -2.85 -11.17
CA ALA C 297 -4.76 -2.79 -12.00
C ALA C 297 -6.05 -2.48 -11.20
N MET C 298 -6.15 -2.96 -9.95
CA MET C 298 -7.30 -2.67 -9.07
C MET C 298 -7.43 -1.15 -8.80
N ILE C 299 -6.26 -0.48 -8.65
CA ILE C 299 -6.16 0.97 -8.44
C ILE C 299 -6.53 1.69 -9.74
N ALA C 300 -6.06 1.18 -10.89
CA ALA C 300 -6.39 1.75 -12.20
C ALA C 300 -7.91 1.62 -12.48
N GLN C 301 -8.53 0.48 -12.08
CA GLN C 301 -9.98 0.23 -12.23
C GLN C 301 -10.86 1.18 -11.40
N ALA C 302 -10.61 1.27 -10.08
CA ALA C 302 -11.34 2.19 -9.21
C ALA C 302 -11.05 3.65 -9.71
N GLY C 303 -9.80 3.91 -10.14
CA GLY C 303 -9.38 5.20 -10.71
C GLY C 303 -10.19 5.57 -11.94
N TRP C 304 -10.41 4.59 -12.86
CA TRP C 304 -11.22 4.73 -14.07
C TRP C 304 -12.66 5.18 -13.71
N GLU C 305 -13.30 4.50 -12.74
CA GLU C 305 -14.65 4.81 -12.27
C GLU C 305 -14.70 6.24 -11.72
N MET C 306 -13.68 6.60 -10.90
CA MET C 306 -13.57 7.89 -10.23
C MET C 306 -13.34 9.03 -11.19
N PHE C 307 -12.37 8.86 -12.13
CA PHE C 307 -12.02 9.85 -13.12
C PHE C 307 -13.25 10.22 -13.96
N ARG C 308 -13.98 9.21 -14.46
CA ARG C 308 -15.17 9.44 -15.30
C ARG C 308 -16.28 10.18 -14.60
N ALA C 309 -16.50 9.89 -13.30
CA ALA C 309 -17.55 10.51 -12.46
C ALA C 309 -17.21 11.95 -12.04
N GLY C 310 -15.94 12.35 -12.18
CA GLY C 310 -15.50 13.71 -11.85
C GLY C 310 -14.68 13.87 -10.57
N HIS C 311 -14.08 12.76 -10.10
CA HIS C 311 -13.17 12.81 -8.96
C HIS C 311 -11.79 13.25 -9.48
N ARG C 312 -11.10 14.14 -8.75
CA ARG C 312 -9.74 14.61 -9.06
C ARG C 312 -9.05 14.88 -7.74
N THR C 313 -7.77 14.57 -7.69
CA THR C 313 -6.97 14.83 -6.50
C THR C 313 -5.92 15.88 -6.87
N PRO C 314 -6.12 17.15 -6.48
CA PRO C 314 -5.07 18.16 -6.73
C PRO C 314 -3.81 17.78 -5.93
N LEU C 315 -2.63 18.08 -6.47
CA LEU C 315 -1.34 17.75 -5.83
C LEU C 315 -1.29 18.15 -4.35
N SER C 316 -1.72 19.38 -4.01
CA SER C 316 -1.75 19.88 -2.64
C SER C 316 -2.63 19.03 -1.72
N ASP C 317 -3.60 18.30 -2.30
CA ASP C 317 -4.47 17.46 -1.48
C ASP C 317 -4.15 15.98 -1.67
N SER C 318 -3.00 15.67 -2.30
CA SER C 318 -2.63 14.28 -2.64
C SER C 318 -1.87 13.50 -1.55
N GLY C 319 -1.63 14.13 -0.41
CA GLY C 319 -0.95 13.52 0.73
C GLY C 319 -1.56 12.17 1.13
N VAL C 320 -0.71 11.16 1.35
CA VAL C 320 -1.16 9.82 1.73
C VAL C 320 -1.67 9.80 3.19
N THR C 321 -2.54 8.84 3.51
CA THR C 321 -3.13 8.66 4.84
C THR C 321 -3.09 7.18 5.21
N GLN C 322 -2.37 6.84 6.30
CA GLN C 322 -2.24 5.47 6.81
C GLN C 322 -3.60 4.93 7.21
N ARG C 323 -4.51 5.82 7.64
CA ARG C 323 -5.88 5.49 7.98
C ARG C 323 -6.76 6.21 6.95
N TYR C 324 -7.49 5.45 6.17
CA TYR C 324 -8.41 5.96 5.17
C TYR C 324 -9.56 4.97 5.20
N ARG C 325 -10.69 5.37 5.75
CA ARG C 325 -11.82 4.45 5.89
C ARG C 325 -12.63 4.32 4.62
N THR C 326 -13.07 3.08 4.34
CA THR C 326 -13.82 2.68 3.15
C THR C 326 -15.07 3.56 2.91
N ASP C 327 -15.79 3.91 3.99
CA ASP C 327 -17.01 4.73 3.95
C ASP C 327 -16.76 6.24 3.81
N GLU C 328 -15.49 6.67 3.69
CA GLU C 328 -15.13 8.09 3.57
C GLU C 328 -15.17 8.60 2.11
N VAL C 329 -15.29 7.67 1.15
CA VAL C 329 -15.32 8.04 -0.28
C VAL C 329 -16.75 8.18 -0.78
N GLU C 330 -17.05 9.30 -1.47
CA GLU C 330 -18.36 9.51 -2.07
C GLU C 330 -18.40 8.72 -3.40
N VAL C 331 -19.15 7.62 -3.44
CA VAL C 331 -19.27 6.71 -4.60
C VAL C 331 -20.26 7.34 -5.61
N THR C 332 -19.79 8.37 -6.33
CA THR C 332 -20.57 9.13 -7.30
C THR C 332 -20.74 8.42 -8.65
N TRP C 333 -20.01 7.31 -8.87
CA TRP C 333 -20.04 6.54 -10.13
C TRP C 333 -21.12 5.42 -10.11
N ARG C 334 -21.88 5.34 -9.02
CA ARG C 334 -22.97 4.38 -8.85
C ARG C 334 -24.25 5.15 -8.49
N ASP C 335 -25.42 4.56 -8.78
CA ASP C 335 -26.73 5.14 -8.51
C ASP C 335 -27.18 4.87 -7.08
C1 GOL D . 4.05 9.95 16.38
O1 GOL D . 3.76 9.58 15.08
C2 GOL D . 3.34 11.31 16.77
O2 GOL D . 2.58 11.89 15.77
C3 GOL D . 4.47 12.19 17.32
O3 GOL D . 4.42 13.36 16.64
C1 GOL E . 18.25 11.27 -19.42
O1 GOL E . 18.08 10.32 -20.42
C2 GOL E . 17.38 12.48 -19.82
O2 GOL E . 16.07 12.30 -19.42
C3 GOL E . 18.04 13.73 -19.19
O3 GOL E . 17.92 13.63 -17.80
C TRS F . -29.03 9.41 -6.18
C1 TRS F . -29.06 7.90 -6.59
C2 TRS F . -27.85 10.12 -6.98
C3 TRS F . -29.21 9.61 -4.60
N TRS F . -30.33 10.04 -6.75
O1 TRS F . -28.66 7.18 -5.48
O2 TRS F . -27.43 11.30 -6.36
O3 TRS F . -28.21 10.34 -4.02
MG MG G . -5.30 -5.31 0.01
C1 GOL H . 2.41 10.26 5.49
O1 GOL H . 1.84 11.06 6.48
C2 GOL H . 2.79 8.90 6.11
O2 GOL H . 1.88 8.48 7.08
C3 GOL H . 4.21 9.09 6.70
O3 GOL H . 4.84 7.85 6.71
C1 GOL I . -19.57 9.90 -16.84
O1 GOL I . -19.07 8.92 -17.70
C2 GOL I . -20.52 9.25 -15.78
O2 GOL I . -21.52 8.49 -16.38
C3 GOL I . -19.57 8.42 -14.82
O3 GOL I . -20.34 7.82 -13.81
C1 GOL J . 1.88 -11.95 1.70
O1 GOL J . 0.88 -11.98 0.71
C2 GOL J . 3.25 -11.87 0.98
O2 GOL J . 3.29 -12.60 -0.21
C3 GOL J . 4.33 -12.32 2.03
O3 GOL J . 5.49 -12.74 1.37
C1 PEG K . -9.33 -8.32 -18.07
O1 PEG K . -9.06 -7.80 -19.29
C2 PEG K . -10.62 -7.66 -17.56
O2 PEG K . -11.76 -8.21 -18.24
C3 PEG K . -12.40 -9.29 -17.54
C4 PEG K . -13.62 -8.74 -16.74
O4 PEG K . -14.46 -8.11 -17.63
C1 PEG L . 2.60 21.22 -11.23
O1 PEG L . 3.78 21.39 -10.54
C2 PEG L . 2.95 20.77 -12.66
O2 PEG L . 3.64 21.82 -13.29
C3 PEG L . 2.91 22.45 -14.33
C4 PEG L . 3.54 23.84 -14.56
O4 PEG L . 2.56 24.66 -15.10
C1 PEG M . -11.45 11.23 -2.95
O1 PEG M . -12.39 11.38 -3.94
C2 PEG M . -10.05 11.28 -3.63
O2 PEG M . -9.27 12.29 -3.03
C3 PEG M . -9.31 13.47 -3.77
C4 PEG M . -9.32 14.66 -2.82
O4 PEG M . -8.76 15.73 -3.48
#